data_8I45
#
_entry.id   8I45
#
loop_
_entity.id
_entity.type
_entity.pdbx_description
1 polymer RNA-G-3GC-uucg
2 non-polymer 1-cyclopropyl-N-[3-(dimethylamino)propyl]-7-(4-ethylpiperazin-1-yl)-6-fluoranyl-4-oxidanylidene-quinoline-3-carboxamide
#
_entity_poly.entity_id   1
_entity_poly.type   'polyribonucleotide'
_entity_poly.pdbx_seq_one_letter_code
;GGACGCUUUCGAGCGGUCC
;
_entity_poly.pdbx_strand_id   A
#
loop_
_chem_comp.id
_chem_comp.type
_chem_comp.name
_chem_comp.formula
53D non-polymer 1-cyclopropyl-N-[3-(dimethylamino)propyl]-7-(4-ethylpiperazin-1-yl)-6-fluoranyl-4-oxidanylidene-quinoline-3-carboxamide 'C24 H34 F N5 O2'
A RNA linking ADENOSINE-5'-MONOPHOSPHATE 'C10 H14 N5 O7 P'
C RNA linking CYTIDINE-5'-MONOPHOSPHATE 'C9 H14 N3 O8 P'
G RNA linking GUANOSINE-5'-MONOPHOSPHATE 'C10 H14 N5 O8 P'
U RNA linking URIDINE-5'-MONOPHOSPHATE 'C9 H13 N2 O9 P'
#
# COMPACT_ATOMS: atom_id res chain seq x y z
C5 53D B . -0.44 -1.64 0.89
C2 53D B . 0.70 0.45 -0.66
C7 53D B . 1.30 1.50 -1.36
N14 53D B . 2.20 2.22 -3.73
C13 53D B . 0.14 3.03 1.44
C8 53D B . 1.56 1.29 -2.73
C4 53D B . -0.26 -1.87 -0.51
C3 53D B . 0.36 -0.76 -1.28
C21 53D B . 2.24 7.05 -2.94
C20 53D B . 2.57 6.07 -1.83
C18 53D B . 1.13 4.22 -2.79
N17 53D B . 2.51 4.61 -2.29
C16 53D B . 3.54 4.28 -3.33
C19 53D B . 1.21 3.32 -4.02
C15 53D B . 3.62 2.77 -3.53
C12 53D B . -0.21 2.22 2.65
C28 53D B . -4.19 -6.93 5.34
C29 53D B . -3.06 -4.72 5.22
N27 53D B . -2.97 -6.18 4.85
C26 53D B . -2.73 -6.36 3.36
C25 53D B . -1.93 -5.17 2.77
C24 53D B . -2.91 -3.99 2.57
O22 53D B . -0.22 -3.29 2.57
N23 53D B . -2.31 -2.88 1.82
C11 53D B . 0.68 1.67 1.61
C22 53D B . -0.98 -2.64 1.85
O4 53D B . -0.54 -2.92 -1.10
F9 53D B . 1.48 -0.06 -4.67
C6 53D B . -0.08 -0.43 1.39
N1 53D B . 0.43 0.59 0.69
C10 53D B . 0.62 -0.93 -2.64
C9 53D B . 1.21 0.08 -3.32
H7 53D B . 1.52 2.39 -0.74
H132 53D B . 0.91 3.80 1.69
H131 53D B . -0.37 3.45 0.56
H211 53D B . 1.94 8.03 -2.50
H213 53D B . 1.39 6.66 -3.54
H212 53D B . 3.13 7.20 -3.59
H202 53D B . 1.86 6.22 -0.99
H201 53D B . 3.61 6.27 -1.51
H181 53D B . 0.62 3.65 -1.98
H182 53D B . 0.57 5.15 -3.05
H161 53D B . 3.22 4.74 -4.29
H162 53D B . 4.53 4.66 -3.00
H192 53D B . 0.21 2.87 -4.22
H191 53D B . 1.56 3.93 -4.89
H152 53D B . 4.30 2.54 -4.42
H151 53D B . 3.97 2.34 -2.57
H121 53D B . 0.22 2.49 3.60
H122 53D B . -1.14 1.90 3.10
H282 53D B . -5.10 -6.29 5.19
H281 53D B . -4.07 -7.16 6.41
H283 53D B . -4.31 -7.87 4.75
H291 53D B . -1.99 -4.91 5.45
H293 53D B . -3.62 -4.71 4.26
H292 53D B . -2.61 -3.81 4.76
H261 53D B . -3.75 -6.37 2.90
H262 53D B . -2.22 -7.36 3.22
H252 53D B . -1.43 -5.39 1.78
H251 53D B . -1.13 -4.84 3.48
H242 53D B . -3.20 -3.61 3.56
H241 53D B . -3.79 -4.35 1.99
H23 53D B . -2.91 -2.31 1.23
H11 53D B . 1.72 1.46 1.54
H6 53D B . -0.19 -0.14 2.46
H10 53D B . 0.36 -1.87 -3.16
H17 53D B . 2.73 4.03 -1.45
H27 53D B . -2.14 -6.60 5.33
H14 53D B . 2.25 1.63 -4.60
C5 53D B . -0.27 -1.88 1.12
C2 53D B . 0.72 0.24 -0.46
C7 53D B . 1.27 1.31 -1.19
N14 53D B . 2.04 2.10 -3.57
C13 53D B . 0.25 2.80 1.69
C8 53D B . 1.47 1.13 -2.57
C4 53D B . -0.15 -2.12 -0.30
C3 53D B . 0.40 -0.98 -1.09
C21 53D B . 1.99 6.90 -2.72
C20 53D B . 2.48 5.95 -1.64
C18 53D B . 1.03 4.05 -2.48
N17 53D B . 2.42 4.48 -2.09
C16 53D B . 3.41 4.17 -3.18
C19 53D B . 1.00 3.20 -3.75
C15 53D B . 3.46 2.67 -3.43
C12 53D B . -0.07 1.97 2.90
C28 53D B . -4.45 -5.91 7.41
C29 53D B . -4.53 -3.48 6.92
N27 53D B . -3.74 -4.76 6.74
C26 53D B . -3.45 -5.02 5.28
C25 53D B . -2.85 -3.79 4.55
C24 53D B . -2.60 -4.16 3.07
O22 53D B . 0.07 -3.64 2.67
N23 53D B . -2.07 -3.05 2.29
C11 53D B . 0.78 1.44 1.81
C22 53D B . -0.75 -2.90 2.10
O4 53D B . -0.43 -3.16 -0.89
F9 53D B . 1.34 -0.20 -4.51
C6 53D B . 0.07 -0.67 1.61
N1 53D B . 0.52 0.35 0.90
C10 53D B . 0.61 -1.12 -2.46
C9 53D B . 1.13 -0.08 -3.15
H7 53D B . 1.49 2.21 -0.56
H132 53D B . 1.03 3.56 1.94
H131 53D B . -0.31 3.24 0.85
H211 53D B . 1.70 7.88 -2.26
H213 53D B . 1.10 6.46 -3.23
H212 53D B . 2.80 7.08 -3.47
H202 53D B . 1.84 6.08 -0.73
H201 53D B . 3.54 6.20 -1.43
H181 53D B . 0.63 3.44 -1.64
H182 53D B . 0.42 4.96 -2.64
H161 53D B . 3.07 4.68 -4.11
H162 53D B . 4.43 4.53 -2.87
H192 53D B . 0.00 2.72 -3.87
H191 53D B . 1.27 3.82 -4.62
H152 53D B . 4.10 2.48 -4.37
H151 53D B . 3.86 2.22 -2.50
H121 53D B . 0.39 2.21 3.84
H122 53D B . -0.98 1.64 3.37
H282 53D B . -5.55 -5.81 7.26
H281 53D B . -4.22 -5.90 8.50
H283 53D B . -4.10 -6.87 6.96
H291 53D B . -4.32 -3.05 7.93
H293 53D B . -4.24 -2.75 6.13
H292 53D B . -5.62 -3.71 6.85
H261 53D B . -4.42 -5.32 4.80
H262 53D B . -2.74 -5.89 5.22
H252 53D B . -1.87 -3.46 5.01
H251 53D B . -3.53 -2.91 4.59
H242 53D B . -3.59 -4.43 2.61
H241 53D B . -1.88 -5.00 3.01
H23 53D B . -2.71 -2.42 1.83
H11 53D B . 1.81 1.20 1.69
H6 53D B . 0.00 -0.40 2.68
H10 53D B . 0.36 -2.06 -3.00
H17 53D B . 2.71 3.92 -1.25
H27 53D B . -2.82 -4.64 7.21
H14 53D B . 2.04 1.56 -4.46
C5 53D B . -0.32 -1.86 0.86
C2 53D B . 0.71 0.24 -0.76
C7 53D B . 1.26 1.29 -1.50
N14 53D B . 1.98 2.03 -3.93
C13 53D B . 0.19 2.75 1.43
C8 53D B . 1.41 1.09 -2.89
C4 53D B . -0.24 -2.09 -0.57
C3 53D B . 0.32 -0.96 -1.36
C21 53D B . 2.01 6.84 -3.27
C20 53D B . 2.50 5.95 -2.15
C18 53D B . 1.02 4.01 -2.85
N17 53D B . 2.44 4.45 -2.51
C16 53D B . 3.41 4.08 -3.60
C19 53D B . 0.96 3.15 -4.11
C15 53D B . 3.41 2.57 -3.83
C12 53D B . 0.09 1.93 2.67
C28 53D B . -5.42 -3.92 6.18
C29 53D B . -3.09 -4.05 7.02
N27 53D B . -4.15 -4.74 6.21
C26 53D B . -3.64 -5.09 4.82
C25 53D B . -3.08 -3.84 4.07
C24 53D B . -2.61 -4.27 2.67
O22 53D B . 0.01 -3.46 2.58
N23 53D B . -2.10 -3.16 1.88
C11 53D B . 0.86 1.44 1.51
C22 53D B . -0.79 -2.86 1.85
O4 53D B . -0.57 -3.12 -1.14
F9 53D B . 1.19 -0.25 -4.82
C6 53D B . 0.08 -0.66 1.33
N1 53D B . 0.54 0.36 0.60
C10 53D B . 0.48 -1.13 -2.74
C9 53D B . 1.01 -0.11 -3.46
H7 53D B . 1.53 2.18 -0.90
H132 53D B . 0.89 3.59 1.54
H131 53D B . -0.51 3.09 0.65
H211 53D B . 2.82 6.96 -4.02
H213 53D B . 1.73 7.83 -2.87
H212 53D B . 1.12 6.37 -3.76
H202 53D B . 1.86 6.12 -1.25
H201 53D B . 3.56 6.19 -1.95
H181 53D B . 0.66 3.39 -2.00
H182 53D B . 0.41 4.91 -3.01
H161 53D B . 3.07 4.58 -4.53
H162 53D B . 4.43 4.41 -3.31
H192 53D B . -0.05 2.69 -4.22
H191 53D B . 1.23 3.75 -4.99
H152 53D B . 4.02 2.36 -4.78
H151 53D B . 3.83 2.11 -2.92
H121 53D B . 0.63 2.25 3.55
H122 53D B . -0.71 1.54 3.27
H282 53D B . -6.03 -4.22 5.29
H281 53D B . -5.16 -2.85 6.11
H283 53D B . -6.00 -4.11 7.10
H291 53D B . -3.26 -4.26 8.11
H293 53D B . -2.09 -4.43 6.72
H292 53D B . -3.15 -2.95 6.84
H261 53D B . -4.50 -5.52 4.25
H262 53D B . -2.84 -5.87 4.94
H252 53D B . -2.23 -3.36 4.62
H251 53D B . -3.87 -3.04 3.96
H242 53D B . -3.49 -4.69 2.12
H241 53D B . -1.80 -5.02 2.78
H23 53D B . -2.75 -2.64 1.30
H11 53D B . 1.89 1.26 1.33
H6 53D B . 0.05 -0.37 2.39
H10 53D B . 0.18 -2.06 -3.26
H17 53D B . 2.74 3.94 -1.65
H27 53D B . -4.39 -5.65 6.67
H14 53D B . 1.95 1.47 -4.80
C5 53D B . -0.43 -1.70 0.76
C2 53D B . 0.69 0.42 -0.75
C7 53D B . 1.29 1.48 -1.43
N14 53D B . 2.19 2.27 -3.76
C13 53D B . 0.18 2.97 1.41
C8 53D B . 1.55 1.30 -2.80
C4 53D B . -0.25 -1.91 -0.65
C3 53D B . 0.36 -0.78 -1.39
C21 53D B . 2.35 7.05 -2.81
C20 53D B . 2.68 6.05 -1.71
C18 53D B . 1.20 4.23 -2.67
N17 53D B . 2.59 4.59 -2.20
C16 53D B . 3.62 4.27 -3.27
C19 53D B . 1.20 3.41 -3.95
C15 53D B . 3.63 2.78 -3.55
C12 53D B . -0.21 2.14 2.59
C28 53D B . -3.06 -8.67 4.07
C29 53D B . -0.92 -7.65 3.35
N27 53D B . -2.41 -7.68 3.14
C26 53D B . -3.03 -6.29 3.26
C25 53D B . -2.28 -5.23 2.41
C24 53D B . -2.95 -3.85 2.62
O22 53D B . -0.22 -3.51 2.28
N23 53D B . -2.32 -2.77 1.88
C11 53D B . 0.67 1.60 1.55
C22 53D B . -0.99 -2.70 1.72
O4 53D B . -0.54 -2.94 -1.26
F9 53D B . 1.48 0.00 -4.77
C6 53D B . -0.09 -0.49 1.28
N1 53D B . 0.42 0.53 0.60
C10 53D B . 0.62 -0.93 -2.76
C9 53D B . 1.20 0.11 -3.42
H7 53D B . 1.52 2.36 -0.79
H132 53D B . 0.97 3.71 1.71
H131 53D B . -0.32 3.44 0.55
H211 53D B . 1.50 6.66 -3.41
H213 53D B . 3.24 7.19 -3.47
H212 53D B . 2.07 8.03 -2.35
H202 53D B . 1.97 6.18 -0.87
H201 53D B . 3.73 6.22 -1.39
H181 53D B . 0.74 3.61 -1.87
H182 53D B . 0.63 5.17 -2.85
H161 53D B . 3.33 4.82 -4.19
H162 53D B . 4.63 4.59 -2.90
H192 53D B . 0.18 2.97 -4.14
H191 53D B . 1.52 4.04 -4.81
H152 53D B . 4.29 2.59 -4.47
H151 53D B . 3.96 2.27 -2.62
H121 53D B . 0.20 2.35 3.55
H122 53D B . -1.15 1.83 3.01
H282 53D B . -4.14 -8.43 4.20
H281 53D B . -2.55 -8.64 5.06
H283 53D B . -2.96 -9.70 3.65
H291 53D B . -0.70 -7.76 4.44
H293 53D B . -0.45 -8.49 2.80
H292 53D B . -0.52 -6.69 2.98
H261 53D B . -2.98 -6.01 4.35
H262 53D B . -4.10 -6.37 2.95
H252 53D B . -2.31 -5.49 1.32
H251 53D B . -1.19 -5.16 2.69
H242 53D B . -2.88 -3.60 3.70
H241 53D B . -4.02 -3.93 2.30
H23 53D B . -2.89 -2.08 1.43
H11 53D B . 1.71 1.36 1.47
H6 53D B . -0.20 -0.23 2.34
H10 53D B . 0.36 -1.85 -3.31
H17 53D B . 2.82 3.99 -1.38
H27 53D B . -2.62 -8.00 2.17
H14 53D B . 2.20 1.74 -4.67
C5 53D B . -0.38 -1.63 0.95
C2 53D B . 0.75 0.37 -0.70
C7 53D B . 1.37 1.38 -1.45
N14 53D B . 2.23 2.02 -3.84
C13 53D B . 0.34 3.06 1.32
C8 53D B . 1.60 1.13 -2.82
C4 53D B . -0.23 -1.92 -0.45
C3 53D B . 0.39 -0.85 -1.27
C21 53D B . 2.48 6.85 -3.19
C20 53D B . 2.81 5.92 -2.03
C18 53D B . 1.29 4.06 -2.85
N17 53D B . 2.70 4.43 -2.43
C16 53D B . 3.71 4.04 -3.47
C19 53D B . 1.25 3.16 -4.08
C15 53D B . 3.67 2.52 -3.68
C12 53D B . -0.06 2.30 2.54
C28 53D B . -2.11 -7.91 2.32
C29 53D B . -3.29 -8.41 4.43
N27 53D B . -2.41 -7.43 3.71
C26 53D B . -2.99 -6.03 3.76
C25 53D B . -2.24 -5.03 2.83
C24 53D B . -2.90 -3.64 2.96
O22 53D B . -0.17 -3.35 2.56
N23 53D B . -2.26 -2.61 2.15
C11 53D B . 0.80 1.68 1.52
C22 53D B . -0.92 -2.57 1.97
O4 53D B . -0.55 -2.99 -1.00
F9 53D B . 1.46 -0.29 -4.70
C6 53D B . 0.00 -0.40 1.39
N1 53D B . 0.52 0.57 0.64
C10 53D B . 0.63 -1.07 -2.63
C9 53D B . 1.21 -0.09 -3.36
H7 53D B . 1.61 2.30 -0.86
H132 53D B . 1.14 3.79 1.57
H131 53D B . -0.17 3.49 0.44
H211 53D B . 3.37 6.94 -3.86
H213 53D B . 2.22 7.86 -2.80
H212 53D B . 1.62 6.44 -3.77
H202 53D B . 2.10 6.12 -1.20
H201 53D B . 3.87 6.10 -1.74
H181 53D B . 0.83 3.49 -2.01
H182 53D B . 0.73 4.99 -3.06
H161 53D B . 3.41 4.53 -4.42
H162 53D B . 4.72 4.34 -3.15
H192 53D B . 0.23 2.73 -4.23
H191 53D B . 1.57 3.75 -4.98
H152 53D B . 4.32 2.27 -4.60
H151 53D B . 4.03 2.06 -2.73
H121 53D B . 0.37 2.56 3.50
H122 53D B . -1.00 2.04 3.01
H282 53D B . -3.03 -8.38 1.88
H281 53D B . -1.29 -8.66 2.34
H283 53D B . -1.81 -7.05 1.68
H291 53D B . -3.82 -7.90 5.27
H293 53D B . -4.05 -8.82 3.72
H292 53D B . -2.68 -9.24 4.84
H261 53D B . -2.92 -5.68 4.82
H262 53D B . -4.08 -6.10 3.47
H252 53D B . -2.28 -5.35 1.75
H251 53D B . -1.15 -4.96 3.10
H242 53D B . -2.80 -3.32 4.03
H241 53D B . -3.97 -3.71 2.66
H23 53D B . -2.84 -1.94 1.67
H11 53D B . 1.83 1.42 1.45
H6 53D B . -0.09 -0.08 2.44
H10 53D B . 0.35 -2.02 -3.13
H17 53D B . 2.93 3.89 -1.56
H27 53D B . -1.49 -7.38 4.22
H14 53D B . 2.23 1.45 -4.72
C5 53D B . -0.37 -1.62 0.95
C2 53D B . 0.77 0.39 -0.70
C7 53D B . 1.37 1.40 -1.46
N14 53D B . 2.24 2.04 -3.85
C13 53D B . 0.35 3.07 1.32
C8 53D B . 1.60 1.14 -2.82
C4 53D B . -0.22 -1.92 -0.46
C3 53D B . 0.39 -0.83 -1.28
C21 53D B . 2.49 6.86 -3.20
C20 53D B . 2.81 5.93 -2.03
C18 53D B . 1.29 4.07 -2.85
N17 53D B . 2.71 4.44 -2.44
C16 53D B . 3.71 4.05 -3.48
C19 53D B . 1.26 3.18 -4.09
C15 53D B . 3.69 2.54 -3.69
C12 53D B . -0.05 2.30 2.54
C28 53D B . -6.19 -5.95 1.27
C29 53D B . -5.09 -5.86 -0.94
N27 53D B . -5.34 -5.12 0.35
C26 53D B . -4.04 -4.66 0.98
C25 53D B . -4.24 -4.11 2.43
C24 53D B . -2.86 -3.64 2.96
O22 53D B . -0.16 -3.34 2.56
N23 53D B . -2.24 -2.60 2.15
C11 53D B . 0.80 1.70 1.52
C22 53D B . -0.92 -2.56 1.95
O4 53D B . -0.54 -2.98 -1.00
F9 53D B . 1.47 -0.27 -4.71
C6 53D B . 0.01 -0.40 1.38
N1 53D B . 0.52 0.58 0.64
C10 53D B . 0.63 -1.07 -2.64
C9 53D B . 1.22 -0.07 -3.36
H7 53D B . 1.61 2.31 -0.87
H132 53D B . 1.14 3.81 1.56
H131 53D B . -0.16 3.50 0.44
H211 53D B . 1.62 6.45 -3.77
H213 53D B . 3.37 6.95 -3.87
H212 53D B . 2.22 7.87 -2.80
H202 53D B . 2.11 6.13 -1.20
H201 53D B . 3.87 6.12 -1.74
H181 53D B . 0.84 3.51 -2.01
H182 53D B . 0.73 5.01 -3.06
H161 53D B . 3.41 4.54 -4.43
H162 53D B . 4.73 4.36 -3.16
H192 53D B . 0.24 2.75 -4.23
H191 53D B . 1.58 3.76 -4.98
H152 53D B . 4.33 2.28 -4.61
H151 53D B . 4.03 2.08 -2.74
H121 53D B . 0.39 2.58 3.49
H122 53D B . -0.99 2.04 3.00
H282 53D B . -6.06 -5.60 2.32
H281 53D B . -5.89 -7.02 1.19
H283 53D B . -7.27 -5.86 0.97
H291 53D B . -4.18 -5.44 -1.43
H293 53D B . -4.93 -6.94 -0.72
H292 53D B . -5.96 -5.74 -1.63
H261 53D B . -3.63 -3.84 0.32
H262 53D B . -3.34 -5.52 0.98
H252 53D B . -4.68 -4.89 3.10
H251 53D B . -4.96 -3.25 2.44
H242 53D B . -2.17 -4.52 2.91
H241 53D B . -2.96 -3.26 4.00
H23 53D B . -2.83 -1.93 1.67
H11 53D B . 1.84 1.43 1.44
H6 53D B . -0.07 -0.07 2.43
H10 53D B . 0.35 -2.01 -3.13
H17 53D B . 2.94 3.90 -1.56
H27 53D B . -5.89 -4.26 0.14
H14 53D B . 2.23 1.46 -4.72
C5 53D B . -0.44 -1.71 0.71
C2 53D B . 0.69 0.39 -0.82
C7 53D B . 1.28 1.44 -1.52
N14 53D B . 2.15 2.22 -3.87
C13 53D B . 0.21 2.98 1.33
C8 53D B . 1.52 1.26 -2.90
C4 53D B . -0.27 -1.93 -0.70
C3 53D B . 0.34 -0.80 -1.46
C21 53D B . 2.36 7.00 -2.96
C20 53D B . 2.71 6.01 -1.86
C18 53D B . 1.21 4.18 -2.77
N17 53D B . 2.61 4.53 -2.33
C16 53D B . 3.61 4.21 -3.41
C19 53D B . 1.17 3.35 -4.05
C15 53D B . 3.60 2.71 -3.69
C12 53D B . -0.18 2.14 2.51
C28 53D B . -4.89 -5.56 6.90
C29 53D B . -4.82 -3.13 6.47
N27 53D B . -4.11 -4.45 6.26
C26 53D B . -3.83 -4.70 4.80
C25 53D B . -3.15 -3.50 4.09
C24 53D B . -2.92 -3.85 2.61
O22 53D B . -0.22 -3.51 2.23
N23 53D B . -2.31 -2.77 1.86
C11 53D B . 0.69 1.58 1.45
C22 53D B . -0.98 -2.71 1.68
O4 53D B . -0.57 -2.97 -1.30
F9 53D B . 1.43 -0.07 -4.85
C6 53D B . -0.08 -0.50 1.22
N1 53D B . 0.43 0.51 0.53
C10 53D B . 0.58 -0.97 -2.83
C9 53D B . 1.16 0.05 -3.50
H7 53D B . 1.51 2.33 -0.89
H132 53D B . 1.00 3.70 1.61
H131 53D B . -0.29 3.43 0.46
H211 53D B . 2.10 7.98 -2.50
H213 53D B . 1.50 6.61 -3.54
H212 53D B . 3.23 7.12 -3.63
H202 53D B . 2.02 6.16 -1.01
H201 53D B . 3.76 6.18 -1.56
H181 53D B . 0.76 3.57 -1.96
H182 53D B . 0.63 5.12 -2.93
H161 53D B . 3.30 4.75 -4.34
H162 53D B . 4.62 4.52 -3.08
H192 53D B . 0.15 2.92 -4.21
H191 53D B . 1.48 3.98 -4.91
H152 53D B . 4.26 2.51 -4.61
H151 53D B . 3.95 2.22 -2.76
H121 53D B . 0.24 2.36 3.47
H122 53D B . -1.12 1.85 2.94
H282 53D B . -4.68 -5.59 8.00
H281 53D B . -4.62 -6.53 6.44
H283 53D B . -5.99 -5.38 6.76
H291 53D B . -4.47 -2.40 5.70
H293 53D B . -5.92 -3.28 6.38
H292 53D B . -4.57 -2.73 7.48
H261 53D B . -4.82 -4.91 4.31
H262 53D B . -3.19 -5.62 4.72
H252 53D B . -2.16 -3.26 4.56
H251 53D B . -3.77 -2.57 4.16
H242 53D B . -3.92 -4.04 2.14
H241 53D B . -2.26 -4.75 2.53
H23 53D B . -2.90 -2.08 1.41
H11 53D B . 1.73 1.35 1.38
H6 53D B . -0.17 -0.22 2.28
H10 53D B . 0.32 -1.89 -3.36
H17 53D B . 2.85 3.96 -1.51
H27 53D B . -3.18 -4.42 6.74
H14 53D B . 2.15 1.69 -4.78
C5 53D B . -0.16 -1.73 1.01
C2 53D B . 0.80 0.27 -0.77
C7 53D B . 1.33 1.26 -1.59
N14 53D B . 1.98 1.85 -4.07
C13 53D B . 0.34 2.92 1.30
C8 53D B . 1.45 0.98 -2.97
C4 53D B . -0.12 -2.05 -0.40
C3 53D B . 0.41 -0.98 -1.28
C21 53D B . 2.16 6.68 -3.70
C20 53D B . 2.63 5.85 -2.52
C18 53D B . 1.10 3.91 -3.05
N17 53D B . 2.54 4.33 -2.79
C16 53D B . 3.45 3.88 -3.90
C19 53D B . 0.97 2.98 -4.25
C15 53D B . 3.42 2.36 -4.03
C12 53D B . 0.27 2.15 2.59
C28 53D B . -1.95 -8.83 1.95
C29 53D B . -4.30 -8.07 1.80
N27 53D B . -3.09 -8.17 2.68
C26 53D B . -2.72 -6.82 3.26
C25 53D B . -2.50 -5.75 2.16
C24 53D B . -2.12 -4.41 2.83
O22 53D B . 0.12 -2.85 3.08
N23 53D B . -1.75 -3.34 1.93
C11 53D B . 1.00 1.61 1.43
C22 53D B . -0.60 -2.66 2.09
O4 53D B . -0.45 -3.13 -0.89
F9 53D B . 1.17 -0.49 -4.80
C6 53D B . 0.23 -0.50 1.39
N1 53D B . 0.67 0.47 0.59
C10 53D B . 0.53 -1.24 -2.65
C9 53D B . 1.04 -0.26 -3.44
H7 53D B . 1.60 2.19 -1.05
H132 53D B . 1.05 3.77 1.36
H131 53D B . -0.39 3.24 0.53
H211 53D B . 1.26 6.21 -4.15
H213 53D B . 2.97 6.74 -4.46
H212 53D B . 1.90 7.70 -3.35
H202 53D B . 2.00 6.09 -1.63
H201 53D B . 3.70 6.08 -2.34
H181 53D B . 0.77 3.34 -2.15
H182 53D B . 0.48 4.81 -3.22
H161 53D B . 3.08 4.34 -4.84
H162 53D B . 4.48 4.21 -3.66
H192 53D B . -0.06 2.53 -4.31
H191 53D B . 1.21 3.53 -5.19
H152 53D B . 4.00 2.09 -4.99
H151 53D B . 3.85 1.94 -3.10
H121 53D B . 0.85 2.50 3.43
H122 53D B . -0.51 1.79 3.22
H282 53D B . -0.98 -8.56 2.43
H281 53D B . -1.93 -8.48 0.89
H283 53D B . -2.08 -9.94 1.97
H291 53D B . -4.85 -9.04 1.80
H293 53D B . -4.97 -7.27 2.17
H292 53D B . -3.99 -7.83 0.76
H261 53D B . -1.77 -6.97 3.84
H262 53D B . -3.53 -6.52 3.97
H252 53D B . -3.43 -5.60 1.55
H251 53D B . -1.69 -6.04 1.44
H242 53D B . -1.22 -4.62 3.47
H241 53D B . -2.98 -4.07 3.45
H23 53D B . -2.33 -3.14 1.12
H11 53D B . 2.02 1.43 1.23
H6 53D B . 0.23 -0.15 2.44
H10 53D B . 0.24 -2.20 -3.09
H17 53D B . 2.85 3.87 -1.92
H27 53D B . -3.32 -8.79 3.50
H14 53D B . 1.90 1.25 -4.91
C5 53D B . -0.39 -1.62 0.89
C2 53D B . 0.73 0.36 -0.79
C7 53D B . 1.34 1.35 -1.56
N14 53D B . 2.18 1.98 -3.97
C13 53D B . 0.36 3.07 1.22
C8 53D B . 1.55 1.09 -2.93
C4 53D B . -0.26 -1.93 -0.50
C3 53D B . 0.35 -0.87 -1.35
C21 53D B . 2.49 6.79 -3.36
C20 53D B . 2.84 5.88 -2.19
C18 53D B . 1.28 4.02 -2.95
N17 53D B . 2.71 4.38 -2.57
C16 53D B . 3.68 3.97 -3.64
C19 53D B . 1.21 3.13 -4.19
C15 53D B . 3.64 2.46 -3.83
C12 53D B . -0.02 2.31 2.45
C28 53D B . -5.39 -5.43 -0.98
C29 53D B . -6.54 -3.93 0.61
N27 53D B . -5.50 -5.00 0.45
C26 53D B . -4.16 -4.57 1.04
C25 53D B . -4.29 -4.02 2.48
C24 53D B . -2.87 -3.60 2.96
O22 53D B . -0.18 -3.34 2.50
N23 53D B . -2.26 -2.58 2.14
C11 53D B . 0.81 1.69 1.42
C22 53D B . -0.93 -2.55 1.93
O4 53D B . -0.59 -3.00 -1.05
F9 53D B . 1.39 -0.34 -4.80
C6 53D B . 0.00 -0.40 1.32
N1 53D B . 0.51 0.56 0.56
C10 53D B . 0.57 -1.11 -2.70
C9 53D B . 1.16 -0.13 -3.45
H7 53D B . 1.60 2.28 -0.98
H132 53D B . 1.18 3.80 1.45
H131 53D B . -0.15 3.50 0.34
H211 53D B . 2.25 7.82 -2.96
H213 53D B . 1.61 6.39 -3.90
H212 53D B . 3.36 6.87 -4.05
H202 53D B . 2.16 6.09 -1.35
H201 53D B . 3.90 6.05 -1.92
H181 53D B . 0.85 3.46 -2.10
H182 53D B . 0.72 4.96 -3.16
H161 53D B . 3.37 4.45 -4.59
H162 53D B . 4.71 4.28 -3.34
H192 53D B . 0.19 2.70 -4.31
H191 53D B . 1.52 3.70 -5.08
H152 53D B . 4.27 2.19 -4.75
H151 53D B . 4.00 2.01 -2.87
H121 53D B . 0.42 2.58 3.40
H122 53D B . -0.96 2.06 2.93
H282 53D B . -5.51 -4.53 -1.65
H281 53D B . -6.20 -6.15 -1.22
H283 53D B . -4.41 -5.90 -1.17
H291 53D B . -7.55 -4.39 0.67
H293 53D B . -6.35 -3.36 1.55
H292 53D B . -6.51 -3.24 -0.26
H261 53D B . -3.75 -3.78 0.35
H262 53D B . -3.47 -5.47 1.01
H252 53D B . -4.71 -4.79 3.18
H251 53D B . -4.98 -3.14 2.53
H242 53D B . -2.20 -4.49 2.90
H241 53D B . -2.92 -3.21 4.01
H23 53D B . -2.84 -1.88 1.67
H11 53D B . 1.84 1.41 1.34
H6 53D B . -0.07 -0.06 2.37
H10 53D B . 0.28 -2.06 -3.18
H17 53D B . 2.96 3.85 -1.71
H27 53D B . -5.79 -5.85 0.99
H14 53D B . 2.15 1.40 -4.83
C5 53D B . 0.00 -1.61 0.81
C2 53D B . 0.94 0.42 -0.93
C7 53D B . 1.46 1.43 -1.75
N14 53D B . 2.12 2.04 -4.21
C13 53D B . 0.45 3.06 1.12
C8 53D B . 1.59 1.15 -3.13
C4 53D B . 0.05 -1.92 -0.60
C3 53D B . 0.58 -0.83 -1.46
C21 53D B . 2.38 6.87 -3.70
C20 53D B . 2.79 5.98 -2.54
C18 53D B . 1.26 4.06 -3.15
N17 53D B . 2.68 4.47 -2.87
C16 53D B . 3.60 4.06 -3.99
C19 53D B . 1.11 3.17 -4.37
C15 53D B . 3.57 2.55 -4.17
C12 53D B . 0.35 2.30 2.40
C28 53D B . 2.13 -7.94 1.14
C29 53D B . 0.28 -8.75 -0.30
N27 53D B . 0.64 -8.15 1.03
C26 53D B . -0.17 -6.89 1.30
C25 53D B . 0.33 -6.09 2.53
C24 53D B . -0.56 -4.84 2.70
O22 53D B . -0.80 -2.10 2.98
N23 53D B . -0.36 -3.87 1.64
C11 53D B . 1.10 1.76 1.26
C22 53D B . -0.45 -2.55 1.87
O4 53D B . -0.27 -3.00 -1.10
F9 53D B . 1.36 -0.30 -4.97
C6 53D B . 0.37 -0.36 1.21
N1 53D B . 0.79 0.61 0.43
C10 53D B . 0.71 -1.08 -2.83
C9 53D B . 1.21 -0.09 -3.61
H7 53D B . 1.71 2.35 -1.20
H132 53D B . 1.16 3.90 1.21
H131 53D B . -0.24 3.38 0.33
H211 53D B . 2.13 7.89 -3.32
H213 53D B . 1.49 6.43 -4.20
H212 53D B . 3.22 6.94 -4.43
H202 53D B . 2.15 6.20 -1.67
H201 53D B . 3.88 6.19 -2.31
H181 53D B . 0.91 3.48 -2.27
H182 53D B . 0.64 4.97 -3.30
H161 53D B . 3.22 4.54 -4.93
H162 53D B . 4.64 4.39 -3.76
H192 53D B . 0.09 2.72 -4.44
H191 53D B . 1.35 3.74 -5.30
H152 53D B . 4.16 2.28 -5.12
H151 53D B . 4.00 2.11 -3.24
H121 53D B . 0.90 2.64 3.26
H122 53D B . -0.46 1.94 3.01
H282 53D B . 2.62 -8.90 1.43
H281 53D B . 2.34 -7.16 1.91
H283 53D B . 2.52 -7.61 0.15
H291 53D B . 0.92 -8.31 -1.09
H293 53D B . 0.44 -9.86 -0.26
H292 53D B . -0.78 -8.55 -0.53
H261 53D B . -1.23 -7.22 1.45
H262 53D B . -0.12 -6.25 0.37
H252 53D B . 1.40 -5.77 2.40
H251 53D B . 0.30 -6.72 3.46
H242 53D B . -0.31 -4.34 3.66
H241 53D B . -1.64 -5.16 2.67
H23 53D B . -0.09 -4.20 0.73
H11 53D B . 2.14 1.58 1.08
H6 53D B . 0.34 -0.03 2.25
H10 53D B . 0.43 -2.05 -3.28
H17 53D B . 3.01 3.97 -2.01
H27 53D B . 0.38 -8.83 1.79
H14 53D B . 2.05 1.46 -5.07
C5 53D B . -0.38 -1.75 1.23
C2 53D B . 0.54 0.41 -0.36
C7 53D B . 1.05 1.50 -1.10
N14 53D B . 1.63 2.33 -3.52
C13 53D B . 0.14 2.84 1.98
C8 53D B . 1.13 1.35 -2.49
C4 53D B . -0.38 -1.92 -0.20
C3 53D B . 0.13 -0.76 -0.99
C21 53D B . 1.65 7.11 -2.74
C20 53D B . 2.22 6.20 -1.67
C18 53D B . 0.73 4.27 -2.35
N17 53D B . 2.15 4.71 -2.06
C16 53D B . 3.08 4.38 -3.21
C19 53D B . 0.60 3.44 -3.61
C15 53D B . 3.07 2.88 -3.48
C12 53D B . 0.13 1.96 3.18
C28 53D B . -4.81 -3.83 7.13
C29 53D B . -2.40 -4.22 7.57
N27 53D B . -3.64 -4.75 6.90
C26 53D B . -3.38 -5.01 5.42
C25 53D B . -2.83 -3.76 4.69
C24 53D B . -2.61 -4.09 3.20
O22 53D B . 0.04 -3.51 2.74
N23 53D B . -2.13 -2.97 2.42
C11 53D B . 0.81 1.53 1.95
C22 53D B . -0.81 -2.78 2.21
O4 53D B . -0.75 -2.93 -0.81
F9 53D B . 0.80 0.08 -4.46
C6 53D B . 0.02 -0.55 1.72
N1 53D B . 0.44 0.49 1.02
C10 53D B . 0.21 -0.88 -2.38
C9 53D B . 0.70 0.17 -3.08
H7 53D B . 1.35 2.36 -0.46
H132 53D B . 0.85 3.68 2.08
H131 53D B . -0.62 3.23 1.28
H211 53D B . 0.74 6.65 -3.18
H213 53D B . 2.41 7.26 -3.54
H212 53D B . 1.39 8.09 -2.29
H202 53D B . 1.64 6.34 -0.73
H201 53D B . 3.29 6.45 -1.53
H181 53D B . 0.41 3.64 -1.49
H182 53D B . 0.09 5.18 -2.45
H161 53D B . 2.69 4.90 -4.12
H162 53D B . 4.11 4.71 -2.96
H192 53D B . -0.41 2.97 -3.68
H191 53D B . 0.81 4.07 -4.51
H152 53D B . 3.63 2.70 -4.47
H151 53D B . 3.54 2.39 -2.60
H121 53D B . 0.74 2.22 4.03
H122 53D B . -0.64 1.54 3.81
H282 53D B . -5.57 -3.99 6.33
H281 53D B . -4.45 -2.77 7.10
H283 53D B . -5.26 -4.04 8.12
H291 53D B . -1.49 -4.66 7.09
H293 53D B . -2.37 -3.12 7.49
H292 53D B . -2.42 -4.52 8.65
H261 53D B . -4.35 -5.32 4.96
H262 53D B . -2.65 -5.86 5.35
H252 53D B . -1.85 -3.41 5.13
H251 53D B . -3.53 -2.89 4.77
H242 53D B . -3.60 -4.38 2.77
H241 53D B . -1.87 -4.92 3.12
H23 53D B . -2.79 -2.34 1.99
H11 53D B . 1.82 1.37 1.70
H6 53D B . 0.05 -0.32 2.80
H10 53D B . -0.10 -1.80 -2.92
H17 53D B . 2.50 4.17 -1.24
H27 53D B . -3.89 -5.67 7.31
H14 53D B . 1.57 1.79 -4.41
#